data_7ZHL
#
_entry.id   7ZHL
#
_cell.length_a   51.546
_cell.length_b   66.366
_cell.length_c   67.700
_cell.angle_alpha   90.000
_cell.angle_beta   90.000
_cell.angle_gamma   90.000
#
_symmetry.space_group_name_H-M   'P 21 21 21'
#
loop_
_entity.id
_entity.type
_entity.pdbx_description
1 polymer 'RHS repeat protein'
2 non-polymer 'ZINC ION'
3 water water
#
_entity_poly.entity_id   1
_entity_poly.type   'polypeptide(L)'
_entity_poly.pdbx_seq_one_letter_code
;GASTATVGRWMGPAEYQQMLDTGTVVQSSTGTTHVAYPADIDAFGKQAKNGAMYVEFDVPEKSLVPTNEGWAKIVGPDSI
EGRLAKRKGLPVPEMPTAENITVRGEKINGEVEAKC
;
_entity_poly.pdbx_strand_id   A,B
#
loop_
_chem_comp.id
_chem_comp.type
_chem_comp.name
_chem_comp.formula
ZN non-polymer 'ZINC ION' 'Zn 2'
#
# COMPACT_ATOMS: atom_id res chain seq x y z
N SER A 3 16.80 -12.08 12.84
CA SER A 3 17.13 -10.76 12.28
C SER A 3 15.92 -9.85 12.22
N THR A 4 16.08 -8.62 12.70
CA THR A 4 14.93 -7.75 12.81
C THR A 4 15.12 -6.44 12.09
N ALA A 5 14.00 -5.86 11.71
CA ALA A 5 13.98 -4.60 11.01
C ALA A 5 13.11 -3.58 11.75
N THR A 6 13.60 -2.35 11.83
CA THR A 6 12.85 -1.25 12.41
C THR A 6 11.94 -0.66 11.39
N VAL A 7 10.64 -0.60 11.69
CA VAL A 7 9.67 0.00 10.75
C VAL A 7 8.85 1.06 11.47
N GLY A 8 8.17 1.90 10.69
CA GLY A 8 7.36 2.96 11.23
C GLY A 8 5.94 2.92 10.69
N ARG A 9 5.00 3.24 11.55
CA ARG A 9 3.60 3.24 11.18
C ARG A 9 2.81 4.32 11.89
N TRP A 10 1.94 4.99 11.14
CA TRP A 10 0.99 5.93 11.72
C TRP A 10 -0.23 5.13 12.14
N MET A 11 -0.63 5.27 13.40
CA MET A 11 -1.74 4.52 13.96
C MET A 11 -2.53 5.30 15.00
N GLY A 12 -3.75 4.84 15.27
CA GLY A 12 -4.56 5.38 16.34
C GLY A 12 -4.05 4.87 17.69
N PRO A 13 -4.44 5.55 18.77
CA PRO A 13 -3.99 5.11 20.10
C PRO A 13 -4.41 3.70 20.43
N ALA A 14 -5.59 3.29 19.98
CA ALA A 14 -6.09 1.97 20.29
C ALA A 14 -5.17 0.88 19.73
N GLU A 15 -4.68 1.07 18.50
CA GLU A 15 -3.73 0.12 17.95
C GLU A 15 -2.42 0.13 18.76
N TYR A 16 -1.99 1.33 19.17
CA TYR A 16 -0.78 1.54 19.93
C TYR A 16 -0.79 0.77 21.26
N GLN A 17 -1.89 0.94 21.98
CA GLN A 17 -2.05 0.26 23.25
C GLN A 17 -2.14 -1.27 23.09
N GLN A 18 -2.91 -1.72 22.11
CA GLN A 18 -3.09 -3.16 21.94
C GLN A 18 -1.77 -3.79 21.62
N MET A 19 -1.03 -3.12 20.76
CA MET A 19 0.28 -3.59 20.36
C MET A 19 1.22 -3.69 21.55
N LEU A 20 1.22 -2.66 22.39
CA LEU A 20 2.04 -2.64 23.58
C LEU A 20 1.66 -3.72 24.58
N ASP A 21 0.36 -3.91 24.79
CA ASP A 21 -0.14 -4.86 25.77
C ASP A 21 0.22 -6.30 25.36
N THR A 22 0.07 -6.59 24.07
CA THR A 22 0.22 -7.95 23.54
C THR A 22 1.64 -8.24 23.04
N GLY A 23 2.43 -7.19 22.82
CA GLY A 23 3.76 -7.33 22.25
C GLY A 23 3.74 -7.85 20.81
N THR A 24 2.60 -7.72 20.15
CA THR A 24 2.45 -8.26 18.79
C THR A 24 1.86 -7.21 17.86
N VAL A 25 2.15 -7.28 16.58
CA VAL A 25 1.54 -6.35 15.63
C VAL A 25 0.05 -6.70 15.54
N VAL A 26 -0.77 -5.67 15.55
CA VAL A 26 -2.23 -5.76 15.46
C VAL A 26 -2.68 -6.00 14.03
N GLN A 27 -3.57 -6.98 13.82
CA GLN A 27 -4.07 -7.22 12.47
C GLN A 27 -5.05 -6.10 12.14
N SER A 28 -4.79 -5.42 11.02
CA SER A 28 -5.58 -4.27 10.58
C SER A 28 -6.96 -4.69 10.07
N SER A 29 -7.82 -3.70 9.87
CA SER A 29 -9.19 -3.92 9.39
C SER A 29 -9.27 -4.72 8.06
N THR A 30 -8.25 -4.60 7.21
CA THR A 30 -8.17 -5.39 5.97
C THR A 30 -7.33 -6.67 6.16
N GLY A 31 -6.69 -6.81 7.30
CA GLY A 31 -5.79 -7.93 7.53
C GLY A 31 -4.37 -7.63 7.05
N THR A 32 -4.19 -6.48 6.41
CA THR A 32 -2.88 -6.08 5.90
C THR A 32 -2.39 -4.79 6.59
N THR A 33 -1.20 -4.87 7.15
CA THR A 33 -0.60 -3.73 7.85
C THR A 33 0.57 -3.16 7.07
N HIS A 34 0.37 -1.96 6.52
CA HIS A 34 1.41 -1.26 5.77
C HIS A 34 2.34 -0.55 6.74
N VAL A 35 3.63 -0.52 6.43
CA VAL A 35 4.57 0.18 7.26
C VAL A 35 5.62 0.87 6.41
N ALA A 36 6.25 1.88 7.02
CA ALA A 36 7.38 2.57 6.42
C ALA A 36 8.65 1.79 6.74
N TYR A 37 9.34 1.33 5.69
CA TYR A 37 10.62 0.64 5.80
C TYR A 37 11.60 1.13 4.75
N PRO A 38 12.72 1.75 5.15
CA PRO A 38 13.11 2.04 6.54
C PRO A 38 12.18 3.06 7.21
N ALA A 39 12.13 3.04 8.54
CA ALA A 39 11.22 3.88 9.30
C ALA A 39 11.49 5.35 9.00
N ASP A 40 10.42 6.09 8.74
CA ASP A 40 10.50 7.51 8.46
C ASP A 40 9.17 8.13 8.79
N ILE A 41 9.15 9.12 9.68
CA ILE A 41 7.91 9.80 10.03
C ILE A 41 7.30 10.47 8.79
N ASP A 42 8.16 10.98 7.91
CA ASP A 42 7.74 11.70 6.71
C ASP A 42 7.19 10.83 5.59
N ALA A 43 7.39 9.53 5.67
CA ALA A 43 6.98 8.64 4.59
C ALA A 43 5.49 8.71 4.28
N PHE A 44 4.65 8.64 5.32
CA PHE A 44 3.20 8.69 5.16
C PHE A 44 2.56 9.75 6.05
N GLY A 45 3.37 10.69 6.52
CA GLY A 45 2.92 11.72 7.43
C GLY A 45 1.78 12.54 6.84
N LYS A 46 1.85 12.77 5.54
CA LYS A 46 0.82 13.55 4.84
C LYS A 46 -0.54 12.88 4.88
N GLN A 47 -0.56 11.57 4.63
CA GLN A 47 -1.81 10.83 4.53
C GLN A 47 -2.41 10.55 5.89
N ALA A 48 -1.59 10.67 6.94
CA ALA A 48 -2.05 10.33 8.28
C ALA A 48 -3.15 11.27 8.75
N LYS A 49 -4.13 10.70 9.45
CA LYS A 49 -5.23 11.47 10.01
C LYS A 49 -4.83 12.26 11.25
N ASN A 50 -5.52 13.37 11.52
CA ASN A 50 -5.28 14.13 12.73
C ASN A 50 -5.56 13.25 13.94
N GLY A 51 -4.73 13.37 14.96
CA GLY A 51 -4.88 12.56 16.17
C GLY A 51 -4.17 11.23 16.12
N ALA A 52 -3.48 10.98 15.01
CA ALA A 52 -2.71 9.75 14.86
C ALA A 52 -1.36 9.89 15.50
N MET A 53 -0.76 8.75 15.83
CA MET A 53 0.56 8.66 16.41
C MET A 53 1.51 7.99 15.44
N TYR A 54 2.73 8.50 15.33
CA TYR A 54 3.73 7.79 14.53
C TYR A 54 4.58 6.92 15.47
N VAL A 55 4.54 5.61 15.23
CA VAL A 55 5.17 4.66 16.13
C VAL A 55 6.19 3.78 15.42
N GLU A 56 7.39 3.67 15.98
CA GLU A 56 8.40 2.80 15.38
C GLU A 56 8.51 1.54 16.23
N PHE A 57 8.74 0.40 15.59
CA PHE A 57 8.87 -0.85 16.30
C PHE A 57 9.72 -1.85 15.52
N ASP A 58 10.18 -2.89 16.20
CA ASP A 58 11.04 -3.89 15.58
C ASP A 58 10.31 -5.20 15.35
N VAL A 59 10.38 -5.70 14.12
CA VAL A 59 9.76 -6.97 13.70
C VAL A 59 10.80 -7.86 13.04
N PRO A 60 10.55 -9.19 13.02
CA PRO A 60 11.45 -10.07 12.26
C PRO A 60 11.48 -9.67 10.78
N GLU A 61 12.65 -9.62 10.18
CA GLU A 61 12.78 -9.22 8.77
C GLU A 61 11.97 -10.15 7.88
N LYS A 62 11.91 -11.43 8.24
CA LYS A 62 11.17 -12.42 7.47
C LYS A 62 9.66 -12.13 7.37
N SER A 63 9.09 -11.40 8.33
CA SER A 63 7.66 -11.13 8.28
C SER A 63 7.29 -10.02 7.27
N LEU A 64 8.30 -9.37 6.68
CA LEU A 64 8.02 -8.27 5.75
C LEU A 64 7.89 -8.82 4.33
N VAL A 65 6.73 -8.56 3.73
CA VAL A 65 6.34 -9.12 2.43
C VAL A 65 6.60 -8.14 1.30
N PRO A 66 7.32 -8.60 0.25
CA PRO A 66 7.76 -7.76 -0.87
C PRO A 66 6.61 -7.07 -1.58
N THR A 67 6.79 -5.79 -1.84
CA THR A 67 5.71 -4.98 -2.42
C THR A 67 6.04 -4.38 -3.78
N ASN A 68 7.32 -4.35 -4.14
CA ASN A 68 7.76 -3.61 -5.32
C ASN A 68 7.45 -2.14 -5.20
N GLU A 69 7.36 -1.64 -3.97
CA GLU A 69 7.07 -0.23 -3.72
C GLU A 69 8.00 0.28 -2.60
N GLY A 70 7.93 1.58 -2.30
CA GLY A 70 8.81 2.15 -1.29
C GLY A 70 8.40 1.94 0.17
N TRP A 71 7.47 1.02 0.39
CA TRP A 71 7.02 0.67 1.74
C TRP A 71 7.03 -0.88 1.85
N ALA A 72 6.78 -1.38 3.04
CA ALA A 72 6.75 -2.81 3.28
C ALA A 72 5.38 -3.15 3.80
N LYS A 73 5.04 -4.43 3.87
CA LYS A 73 3.76 -4.79 4.46
C LYS A 73 3.82 -6.07 5.30
N ILE A 74 2.95 -6.14 6.29
CA ILE A 74 2.79 -7.31 7.10
C ILE A 74 1.41 -7.88 6.83
N VAL A 75 1.36 -9.15 6.47
CA VAL A 75 0.14 -9.85 6.08
C VAL A 75 -0.44 -10.72 7.21
N GLY A 76 -1.74 -10.62 7.50
CA GLY A 76 -2.32 -11.39 8.57
C GLY A 76 -3.17 -12.57 8.10
N PRO A 77 -3.71 -13.36 9.03
CA PRO A 77 -4.48 -14.55 8.64
C PRO A 77 -5.76 -14.27 7.85
N ASP A 78 -6.40 -13.14 8.10
CA ASP A 78 -7.64 -12.84 7.43
C ASP A 78 -7.48 -11.90 6.23
N SER A 79 -6.25 -11.58 5.84
CA SER A 79 -6.07 -10.76 4.65
C SER A 79 -6.38 -11.60 3.42
N ILE A 80 -6.59 -10.95 2.28
CA ILE A 80 -6.85 -11.66 1.06
C ILE A 80 -5.63 -12.54 0.71
N GLU A 81 -4.42 -12.05 1.02
CA GLU A 81 -3.19 -12.76 0.79
C GLU A 81 -3.16 -14.04 1.66
N GLY A 82 -3.58 -13.91 2.92
CA GLY A 82 -3.63 -15.05 3.82
C GLY A 82 -4.64 -16.10 3.38
N ARG A 83 -5.80 -15.65 2.94
CA ARG A 83 -6.85 -16.52 2.42
C ARG A 83 -6.40 -17.24 1.15
N LEU A 84 -5.67 -16.55 0.29
CA LEU A 84 -5.11 -17.20 -0.89
C LEU A 84 -4.06 -18.23 -0.45
N ALA A 85 -3.24 -17.89 0.54
CA ALA A 85 -2.22 -18.81 1.03
C ALA A 85 -2.82 -20.12 1.54
N LYS A 86 -3.90 -20.03 2.31
CA LYS A 86 -4.54 -21.23 2.84
C LYS A 86 -5.06 -22.09 1.69
N ARG A 87 -5.73 -21.48 0.71
CA ARG A 87 -6.25 -22.22 -0.44
C ARG A 87 -5.12 -22.94 -1.20
N LYS A 88 -3.90 -22.40 -1.18
CA LYS A 88 -2.76 -22.98 -1.89
C LYS A 88 -2.01 -23.98 -1.00
N GLY A 89 -2.54 -24.27 0.18
CA GLY A 89 -1.88 -25.16 1.12
C GLY A 89 -0.60 -24.63 1.73
N LEU A 90 -0.48 -23.31 1.83
CA LEU A 90 0.70 -22.65 2.40
C LEU A 90 0.41 -22.35 3.86
N PRO A 91 1.47 -22.15 4.68
CA PRO A 91 1.22 -21.88 6.09
C PRO A 91 0.41 -20.59 6.32
N VAL A 92 -0.47 -20.61 7.31
CA VAL A 92 -1.28 -19.44 7.61
C VAL A 92 -0.35 -18.31 8.08
N PRO A 93 -0.46 -17.11 7.48
CA PRO A 93 0.41 -16.04 7.96
C PRO A 93 0.08 -15.67 9.42
N GLU A 94 1.09 -15.34 10.21
CA GLU A 94 0.80 -14.99 11.59
C GLU A 94 1.34 -13.59 11.93
N MET A 95 0.63 -12.85 12.77
CA MET A 95 1.12 -11.54 13.12
C MET A 95 2.40 -11.73 13.94
N PRO A 96 3.48 -11.05 13.54
CA PRO A 96 4.78 -11.18 14.22
C PRO A 96 4.86 -10.33 15.49
N THR A 97 5.90 -10.60 16.28
CA THR A 97 6.15 -9.89 17.50
C THR A 97 6.60 -8.48 17.18
N ALA A 98 6.32 -7.53 18.06
CA ALA A 98 6.78 -6.18 17.85
C ALA A 98 7.54 -5.70 19.10
N GLU A 99 8.81 -5.36 18.93
CA GLU A 99 9.68 -4.99 20.04
C GLU A 99 10.18 -3.55 19.94
N ASN A 100 10.58 -2.98 21.09
CA ASN A 100 11.13 -1.62 21.16
C ASN A 100 10.18 -0.62 20.55
N ILE A 101 8.92 -0.74 20.95
CA ILE A 101 7.85 0.10 20.46
C ILE A 101 8.09 1.50 21.01
N THR A 102 8.25 2.47 20.13
CA THR A 102 8.55 3.83 20.58
C THR A 102 7.72 4.86 19.83
N VAL A 103 7.08 5.77 20.55
CA VAL A 103 6.35 6.86 19.88
C VAL A 103 7.33 7.90 19.33
N ARG A 104 7.29 8.16 18.03
CA ARG A 104 8.23 9.13 17.48
C ARG A 104 7.59 10.36 16.88
N GLY A 105 6.26 10.43 16.88
CA GLY A 105 5.60 11.60 16.35
C GLY A 105 4.11 11.64 16.57
N GLU A 106 3.49 12.78 16.31
CA GLU A 106 2.05 12.88 16.42
C GLU A 106 1.59 13.82 15.33
N LYS A 107 0.32 13.71 14.95
CA LYS A 107 -0.20 14.63 13.96
C LYS A 107 -1.34 15.40 14.59
N ILE A 108 -1.13 16.70 14.69
CA ILE A 108 -2.08 17.57 15.34
C ILE A 108 -2.43 18.73 14.40
N ASN A 109 -3.73 18.88 14.17
CA ASN A 109 -4.30 20.02 13.45
C ASN A 109 -3.63 20.21 12.08
N GLY A 110 -3.46 19.09 11.38
CA GLY A 110 -2.89 19.07 10.04
C GLY A 110 -1.38 19.13 9.93
N GLU A 111 -0.68 19.27 11.06
CA GLU A 111 0.76 19.41 11.06
C GLU A 111 1.46 18.24 11.79
N VAL A 112 2.57 17.79 11.22
CA VAL A 112 3.33 16.69 11.79
C VAL A 112 4.46 17.14 12.73
N GLU A 113 4.46 16.57 13.92
CA GLU A 113 5.52 16.85 14.87
C GLU A 113 6.37 15.62 15.15
N ALA A 114 7.69 15.79 15.11
CA ALA A 114 8.61 14.69 15.41
C ALA A 114 9.10 14.68 16.85
N LYS A 115 9.23 13.45 17.36
CA LYS A 115 9.76 13.06 18.67
C LYS A 115 8.92 13.62 19.79
N SER B 3 -19.50 3.66 -15.71
CA SER B 3 -19.09 4.65 -14.71
C SER B 3 -17.61 4.43 -14.33
N THR B 4 -16.85 5.51 -14.32
CA THR B 4 -15.41 5.41 -14.09
C THR B 4 -14.92 6.33 -12.97
N ALA B 5 -13.78 6.00 -12.39
CA ALA B 5 -13.16 6.80 -11.33
C ALA B 5 -11.74 7.21 -11.73
N THR B 6 -11.36 8.46 -11.46
CA THR B 6 -10.02 8.93 -11.77
C THR B 6 -9.08 8.63 -10.63
N VAL B 7 -7.99 7.93 -10.94
CA VAL B 7 -7.00 7.58 -9.93
C VAL B 7 -5.60 8.00 -10.35
N GLY B 8 -4.68 8.03 -9.41
CA GLY B 8 -3.32 8.38 -9.72
C GLY B 8 -2.36 7.28 -9.29
N ARG B 9 -1.30 7.05 -10.06
CA ARG B 9 -0.29 6.07 -9.69
C ARG B 9 1.12 6.50 -10.10
N TRP B 10 2.09 6.26 -9.22
CA TRP B 10 3.51 6.45 -9.51
C TRP B 10 4.05 5.21 -10.19
N MET B 11 4.71 5.36 -11.35
CA MET B 11 5.20 4.18 -12.06
C MET B 11 6.47 4.47 -12.86
N GLY B 12 7.20 3.41 -13.23
CA GLY B 12 8.37 3.53 -14.07
C GLY B 12 7.92 3.81 -15.49
N PRO B 13 8.82 4.36 -16.32
CA PRO B 13 8.48 4.64 -17.71
C PRO B 13 8.05 3.37 -18.45
N ALA B 14 8.64 2.24 -18.09
CA ALA B 14 8.30 0.99 -18.73
C ALA B 14 6.83 0.65 -18.50
N GLU B 15 6.36 0.77 -17.26
CA GLU B 15 4.97 0.48 -16.91
C GLU B 15 4.04 1.46 -17.66
N TYR B 16 4.45 2.73 -17.71
CA TYR B 16 3.64 3.74 -18.40
C TYR B 16 3.45 3.36 -19.87
N GLN B 17 4.53 2.95 -20.52
CA GLN B 17 4.49 2.56 -21.93
C GLN B 17 3.57 1.34 -22.13
N GLN B 18 3.63 0.38 -21.21
CA GLN B 18 2.74 -0.77 -21.34
C GLN B 18 1.28 -0.33 -21.25
N MET B 19 0.99 0.62 -20.38
CA MET B 19 -0.37 1.17 -20.24
C MET B 19 -0.86 1.84 -21.51
N LEU B 20 0.02 2.60 -22.14
CA LEU B 20 -0.32 3.28 -23.38
C LEU B 20 -0.60 2.24 -24.44
N ASP B 21 0.25 1.22 -24.51
CA ASP B 21 0.09 0.20 -25.53
C ASP B 21 -1.19 -0.63 -25.35
N THR B 22 -1.47 -1.07 -24.14
CA THR B 22 -2.59 -2.00 -23.91
C THR B 22 -3.91 -1.32 -23.52
N GLY B 23 -3.86 -0.06 -23.07
CA GLY B 23 -5.06 0.58 -22.58
C GLY B 23 -5.59 -0.05 -21.29
N THR B 24 -4.73 -0.80 -20.60
CA THR B 24 -5.13 -1.48 -19.37
C THR B 24 -4.14 -1.22 -18.23
N VAL B 25 -4.62 -1.29 -17.00
CA VAL B 25 -3.71 -1.15 -15.86
C VAL B 25 -2.76 -2.34 -15.81
N VAL B 26 -1.47 -2.05 -15.61
CA VAL B 26 -0.48 -3.11 -15.51
C VAL B 26 -0.64 -3.70 -14.13
N GLN B 27 -0.92 -5.00 -14.08
CA GLN B 27 -1.10 -5.67 -12.81
C GLN B 27 0.24 -6.14 -12.28
N SER B 28 0.54 -5.77 -11.04
CA SER B 28 1.84 -6.09 -10.46
C SER B 28 2.01 -7.59 -10.24
N SER B 29 3.27 -8.00 -10.28
CA SER B 29 3.70 -9.38 -10.08
C SER B 29 3.38 -9.82 -8.65
N THR B 30 3.31 -8.86 -7.73
CA THR B 30 3.05 -9.19 -6.35
C THR B 30 1.56 -9.44 -6.11
N GLY B 31 0.74 -9.13 -7.10
CA GLY B 31 -0.69 -9.27 -6.98
C GLY B 31 -1.48 -8.08 -6.41
N THR B 32 -0.78 -7.05 -5.95
CA THR B 32 -1.47 -5.85 -5.50
C THR B 32 -1.00 -4.60 -6.27
N THR B 33 -1.94 -3.88 -6.86
CA THR B 33 -1.61 -2.66 -7.57
C THR B 33 -2.29 -1.50 -6.87
N HIS B 34 -1.54 -0.74 -6.08
CA HIS B 34 -2.11 0.41 -5.38
C HIS B 34 -2.22 1.66 -6.27
N VAL B 35 -3.22 2.46 -5.99
CA VAL B 35 -3.39 3.74 -6.63
C VAL B 35 -3.85 4.72 -5.56
N ALA B 36 -3.71 6.01 -5.87
CA ALA B 36 -4.19 7.08 -5.05
C ALA B 36 -5.63 7.43 -5.46
N TYR B 37 -6.58 7.27 -4.54
CA TYR B 37 -7.98 7.70 -4.77
C TYR B 37 -8.43 8.49 -3.56
N PRO B 38 -8.81 9.77 -3.73
CA PRO B 38 -8.80 10.54 -4.99
C PRO B 38 -7.38 10.80 -5.49
N ALA B 39 -7.23 11.00 -6.79
CA ALA B 39 -5.92 11.17 -7.38
C ALA B 39 -5.20 12.39 -6.78
N ASP B 40 -3.96 12.19 -6.35
CA ASP B 40 -3.16 13.27 -5.77
C ASP B 40 -1.68 12.93 -5.88
N ILE B 41 -0.92 13.78 -6.56
CA ILE B 41 0.51 13.55 -6.75
C ILE B 41 1.25 13.42 -5.40
N ASP B 42 0.82 14.16 -4.38
CA ASP B 42 1.44 14.14 -3.05
C ASP B 42 1.11 12.94 -2.16
N ALA B 43 0.12 12.14 -2.55
CA ALA B 43 -0.29 11.00 -1.75
C ALA B 43 0.84 10.00 -1.50
N PHE B 44 1.55 9.63 -2.56
CA PHE B 44 2.63 8.66 -2.44
C PHE B 44 3.92 9.20 -3.02
N GLY B 45 3.94 10.50 -3.27
CA GLY B 45 5.07 11.14 -3.91
C GLY B 45 6.36 11.01 -3.14
N LYS B 46 6.26 11.09 -1.82
CA LYS B 46 7.45 10.98 -0.98
C LYS B 46 8.13 9.61 -1.13
N GLN B 47 7.31 8.56 -1.16
CA GLN B 47 7.85 7.21 -1.29
C GLN B 47 8.15 6.73 -2.70
N ALA B 48 7.66 7.43 -3.73
CA ALA B 48 7.86 6.97 -5.11
C ALA B 48 9.35 6.93 -5.43
N LYS B 49 9.75 5.95 -6.25
CA LYS B 49 11.15 5.77 -6.62
C LYS B 49 11.63 6.87 -7.55
N ASN B 50 12.91 7.24 -7.46
CA ASN B 50 13.46 8.26 -8.35
C ASN B 50 13.34 7.78 -9.79
N GLY B 51 13.02 8.70 -10.68
CA GLY B 51 12.81 8.36 -12.08
C GLY B 51 11.40 7.88 -12.38
N ALA B 52 10.53 7.85 -11.37
CA ALA B 52 9.14 7.42 -11.59
C ALA B 52 8.29 8.57 -12.15
N MET B 53 7.19 8.23 -12.81
CA MET B 53 6.27 9.19 -13.39
C MET B 53 4.97 9.10 -12.62
N TYR B 54 4.34 10.25 -12.38
CA TYR B 54 3.04 10.26 -11.74
C TYR B 54 2.01 10.32 -12.88
N VAL B 55 1.13 9.32 -12.95
CA VAL B 55 0.18 9.17 -14.06
C VAL B 55 -1.26 9.07 -13.57
N GLU B 56 -2.16 9.85 -14.17
CA GLU B 56 -3.57 9.76 -13.80
C GLU B 56 -4.34 9.11 -14.92
N PHE B 57 -5.34 8.32 -14.57
CA PHE B 57 -6.12 7.60 -15.56
C PHE B 57 -7.47 7.22 -14.97
N ASP B 58 -8.42 6.85 -15.83
CA ASP B 58 -9.77 6.47 -15.41
C ASP B 58 -9.95 4.96 -15.49
N VAL B 59 -10.46 4.35 -14.42
CA VAL B 59 -10.70 2.89 -14.36
C VAL B 59 -12.16 2.63 -14.08
N PRO B 60 -12.65 1.43 -14.45
CA PRO B 60 -14.04 1.11 -14.14
C PRO B 60 -14.25 1.16 -12.63
N GLU B 61 -15.36 1.73 -12.16
CA GLU B 61 -15.57 1.89 -10.72
C GLU B 61 -15.51 0.54 -9.99
N LYS B 62 -16.03 -0.50 -10.64
CA LYS B 62 -16.03 -1.84 -10.05
C LYS B 62 -14.60 -2.35 -9.86
N SER B 63 -13.64 -1.87 -10.64
CA SER B 63 -12.24 -2.31 -10.53
C SER B 63 -11.52 -1.66 -9.35
N LEU B 64 -12.11 -0.61 -8.80
CA LEU B 64 -11.48 0.14 -7.74
C LEU B 64 -11.94 -0.26 -6.32
N VAL B 65 -11.02 -0.73 -5.48
CA VAL B 65 -11.40 -1.05 -4.10
C VAL B 65 -10.70 -0.13 -3.09
N PRO B 66 -11.44 0.81 -2.49
CA PRO B 66 -10.86 1.60 -1.40
C PRO B 66 -10.70 0.72 -0.16
N THR B 67 -9.57 0.78 0.54
CA THR B 67 -9.35 -0.09 1.70
C THR B 67 -9.12 0.73 2.96
N GLU B 69 -7.63 2.94 5.13
CA GLU B 69 -7.11 4.28 5.38
C GLU B 69 -7.12 5.12 4.11
N GLY B 70 -6.07 4.97 3.31
CA GLY B 70 -5.92 5.70 2.07
C GLY B 70 -5.31 4.79 1.02
N TRP B 71 -5.50 3.48 1.23
CA TRP B 71 -4.82 2.47 0.43
C TRP B 71 -5.71 1.80 -0.60
N ALA B 72 -6.06 2.54 -1.66
CA ALA B 72 -6.93 1.94 -2.66
C ALA B 72 -6.11 1.06 -3.58
N LYS B 73 -6.78 0.10 -4.20
CA LYS B 73 -6.13 -0.85 -5.09
C LYS B 73 -7.03 -1.18 -6.26
N ILE B 74 -6.40 -1.69 -7.32
CA ILE B 74 -7.10 -2.07 -8.51
C ILE B 74 -7.21 -3.58 -8.58
N VAL B 75 -8.42 -4.13 -8.65
CA VAL B 75 -8.51 -5.58 -8.67
C VAL B 75 -8.85 -6.07 -10.08
N GLY B 76 -7.93 -6.85 -10.62
CA GLY B 76 -7.99 -7.43 -11.95
C GLY B 76 -7.91 -8.94 -11.91
N PRO B 77 -7.86 -9.55 -13.11
CA PRO B 77 -7.77 -11.02 -13.22
C PRO B 77 -6.50 -11.58 -12.55
N ASP B 78 -5.37 -10.87 -12.58
CA ASP B 78 -4.13 -11.37 -11.94
C ASP B 78 -3.87 -10.75 -10.55
N SER B 79 -4.82 -9.99 -10.02
CA SER B 79 -4.70 -9.47 -8.66
C SER B 79 -4.90 -10.66 -7.70
N ILE B 80 -4.63 -10.49 -6.41
CA ILE B 80 -4.81 -11.58 -5.46
C ILE B 80 -6.25 -12.08 -5.47
N GLU B 81 -7.19 -11.15 -5.63
CA GLU B 81 -8.58 -11.52 -5.73
C GLU B 81 -8.85 -12.42 -6.95
N GLY B 82 -8.24 -12.08 -8.08
CA GLY B 82 -8.41 -12.86 -9.30
C GLY B 82 -7.78 -14.24 -9.16
N ARG B 83 -6.59 -14.29 -8.56
CA ARG B 83 -5.87 -15.55 -8.36
C ARG B 83 -6.68 -16.49 -7.49
N LEU B 84 -7.27 -15.95 -6.43
CA LEU B 84 -8.07 -16.78 -5.54
C LEU B 84 -9.31 -17.32 -6.26
N ALA B 85 -9.97 -16.45 -7.03
CA ALA B 85 -11.16 -16.84 -7.77
C ALA B 85 -10.82 -17.97 -8.76
N LYS B 86 -9.69 -17.83 -9.44
CA LYS B 86 -9.22 -18.83 -10.39
C LYS B 86 -8.84 -20.14 -9.68
N ARG B 87 -8.14 -20.04 -8.55
CA ARG B 87 -7.72 -21.21 -7.80
C ARG B 87 -8.98 -21.96 -7.33
N LYS B 88 -10.07 -21.22 -7.06
CA LYS B 88 -11.33 -21.82 -6.60
C LYS B 88 -12.33 -22.18 -7.72
N GLY B 89 -11.93 -22.02 -8.98
CA GLY B 89 -12.82 -22.25 -10.10
C GLY B 89 -13.96 -21.24 -10.18
N LEU B 90 -13.74 -20.04 -9.66
CA LEU B 90 -14.72 -18.96 -9.71
C LEU B 90 -14.41 -17.92 -10.80
N PRO B 91 -15.42 -17.13 -11.23
CA PRO B 91 -15.10 -16.12 -12.23
C PRO B 91 -14.16 -15.03 -11.70
N VAL B 92 -13.11 -14.75 -12.45
CA VAL B 92 -12.17 -13.70 -12.14
C VAL B 92 -12.72 -12.32 -12.53
N PRO B 93 -12.28 -11.25 -11.83
CA PRO B 93 -12.71 -9.88 -12.17
C PRO B 93 -12.37 -9.49 -13.62
N GLU B 94 -13.15 -8.60 -14.21
CA GLU B 94 -12.90 -8.15 -15.59
C GLU B 94 -11.61 -7.35 -15.65
N MET B 95 -11.04 -7.24 -16.84
CA MET B 95 -9.81 -6.49 -17.04
C MET B 95 -9.98 -5.02 -16.67
N PRO B 96 -9.08 -4.48 -15.84
CA PRO B 96 -9.25 -3.07 -15.50
C PRO B 96 -8.69 -2.17 -16.62
N THR B 97 -9.58 -1.61 -17.42
CA THR B 97 -9.19 -0.72 -18.50
C THR B 97 -8.68 0.59 -17.94
N ALA B 98 -7.83 1.26 -18.70
CA ALA B 98 -7.31 2.57 -18.27
C ALA B 98 -7.55 3.59 -19.38
N GLU B 99 -8.35 4.62 -19.08
CA GLU B 99 -8.73 5.61 -20.07
C GLU B 99 -8.22 6.98 -19.68
N ASN B 100 -8.09 7.88 -20.65
CA ASN B 100 -7.66 9.25 -20.37
C ASN B 100 -6.32 9.26 -19.63
N ILE B 101 -5.37 8.45 -20.09
CA ILE B 101 -4.08 8.35 -19.43
C ILE B 101 -3.32 9.67 -19.59
N THR B 102 -2.97 10.30 -18.46
CA THR B 102 -2.32 11.59 -18.49
C THR B 102 -1.14 11.65 -17.54
N VAL B 103 0.05 12.05 -18.03
CA VAL B 103 1.20 12.24 -17.16
C VAL B 103 1.09 13.59 -16.44
N ARG B 104 1.09 13.58 -15.11
CA ARG B 104 0.95 14.84 -14.38
C ARG B 104 2.14 15.23 -13.55
N GLY B 105 3.17 14.39 -13.50
CA GLY B 105 4.33 14.73 -12.71
C GLY B 105 5.45 13.74 -12.90
N GLU B 106 6.63 14.05 -12.35
CA GLU B 106 7.75 13.12 -12.34
C GLU B 106 8.59 13.29 -11.06
N LYS B 107 9.38 12.29 -10.72
CA LYS B 107 10.28 12.40 -9.58
C LYS B 107 11.74 12.21 -10.00
N ILE B 108 12.57 13.23 -9.80
CA ILE B 108 13.97 13.15 -10.17
C ILE B 108 14.81 13.52 -8.96
N ASN B 109 15.70 12.63 -8.58
CA ASN B 109 16.70 12.87 -7.55
C ASN B 109 16.08 13.37 -6.25
N GLY B 110 15.01 12.70 -5.82
CA GLY B 110 14.35 13.02 -4.57
C GLY B 110 13.35 14.16 -4.64
N GLU B 111 13.19 14.78 -5.80
CA GLU B 111 12.31 15.94 -5.90
C GLU B 111 11.10 15.66 -6.77
N VAL B 112 9.92 15.95 -6.26
CA VAL B 112 8.68 15.71 -6.97
C VAL B 112 8.34 16.94 -7.78
N GLU B 113 8.10 16.75 -9.07
CA GLU B 113 7.75 17.85 -9.97
C GLU B 113 6.37 17.66 -10.57
N ALA B 114 5.54 18.70 -10.52
CA ALA B 114 4.21 18.60 -11.10
C ALA B 114 4.14 19.35 -12.43
N LYS B 115 3.42 18.79 -13.41
CA LYS B 115 3.19 19.47 -14.68
C LYS B 115 2.05 20.48 -14.51
ZN ZN C . -0.63 -2.82 0.09
ZN ZN D . 2.69 18.07 20.85
ZN ZN E . 3.20 20.33 19.83
ZN ZN F . 9.47 15.94 8.27
ZN ZN G . 3.87 3.25 -6.26
#